data_3QIR
#
_entry.id   3QIR
#
_cell.length_a   41.548
_cell.length_b   139.291
_cell.length_c   224.934
_cell.angle_alpha   90.00
_cell.angle_beta   90.00
_cell.angle_gamma   90.00
#
_symmetry.space_group_name_H-M   'C 2 2 21'
#
_entity_poly.entity_id   1
_entity_poly.type   'polypeptide(L)'
_entity_poly.pdbx_seq_one_letter_code
;RNDCVLDVMHAIYQQNKEHFQDECTKLLVGNIVITRYNNRTYRIDDVDWNKTPKDSFTMSDGKEITFLEYYSKNYGITVK
EEDQPLLIHRPSERQDNHGMLLKGEILLLPELSFMTGIPEKMKKDFRAMKDLAQQINLSPKQHHSALE
;
_entity_poly.pdbx_strand_id   A,B,C,D
#
# COMPACT_ATOMS: atom_id res chain seq x y z
N ASN A 2 -32.32 -74.11 -7.45
CA ASN A 2 -33.35 -73.13 -7.79
C ASN A 2 -32.77 -71.78 -8.27
N ASP A 3 -31.59 -71.35 -7.76
CA ASP A 3 -30.99 -70.06 -8.10
C ASP A 3 -30.23 -70.02 -9.43
N CYS A 4 -29.97 -68.80 -9.92
CA CYS A 4 -29.21 -68.53 -11.13
C CYS A 4 -27.72 -68.52 -10.74
N VAL A 5 -26.90 -69.30 -11.50
CA VAL A 5 -25.46 -69.49 -11.30
C VAL A 5 -24.73 -68.14 -11.18
N LEU A 6 -25.07 -67.17 -12.07
CA LEU A 6 -24.45 -65.86 -12.08
C LEU A 6 -24.73 -65.13 -10.76
N ASP A 7 -25.95 -65.23 -10.21
CA ASP A 7 -26.31 -64.60 -8.92
C ASP A 7 -25.48 -65.18 -7.77
N VAL A 8 -25.33 -66.52 -7.75
CA VAL A 8 -24.53 -67.25 -6.77
C VAL A 8 -23.07 -66.78 -6.85
N MET A 9 -22.55 -66.68 -8.09
CA MET A 9 -21.22 -66.21 -8.41
C MET A 9 -21.00 -64.78 -7.97
N HIS A 10 -22.00 -63.88 -8.19
CA HIS A 10 -21.93 -62.46 -7.80
C HIS A 10 -21.76 -62.32 -6.31
N ALA A 11 -22.50 -63.15 -5.52
CA ALA A 11 -22.44 -63.15 -4.06
C ALA A 11 -21.05 -63.56 -3.56
N ILE A 12 -20.46 -64.60 -4.18
CA ILE A 12 -19.10 -65.07 -3.82
C ILE A 12 -18.06 -63.99 -4.20
N TYR A 13 -18.26 -63.34 -5.37
CA TYR A 13 -17.39 -62.28 -5.86
C TYR A 13 -17.34 -61.12 -4.90
N GLN A 14 -18.54 -60.68 -4.44
CA GLN A 14 -18.73 -59.58 -3.51
C GLN A 14 -18.02 -59.81 -2.18
N GLN A 15 -18.08 -61.06 -1.66
CA GLN A 15 -17.41 -61.39 -0.40
C GLN A 15 -15.88 -61.32 -0.56
N ASN A 16 -15.39 -61.78 -1.71
CA ASN A 16 -13.95 -61.78 -2.03
C ASN A 16 -13.39 -60.38 -2.33
N LYS A 17 -14.20 -59.49 -2.95
CA LYS A 17 -13.81 -58.10 -3.30
C LYS A 17 -13.58 -57.33 -2.01
N GLU A 18 -14.54 -57.47 -1.05
CA GLU A 18 -14.51 -56.85 0.26
C GLU A 18 -13.26 -57.27 1.01
N HIS A 19 -12.95 -58.59 1.00
CA HIS A 19 -11.77 -59.15 1.66
C HIS A 19 -10.49 -58.52 1.12
N PHE A 20 -10.41 -58.38 -0.21
CA PHE A 20 -9.25 -57.80 -0.89
C PHE A 20 -9.03 -56.34 -0.51
N GLN A 21 -10.12 -55.56 -0.55
CA GLN A 21 -10.12 -54.12 -0.28
C GLN A 21 -9.74 -53.84 1.17
N ASP A 22 -10.32 -54.63 2.13
CA ASP A 22 -10.05 -54.60 3.58
C ASP A 22 -8.61 -55.12 3.91
N GLU A 23 -7.99 -55.89 3.02
CA GLU A 23 -6.63 -56.39 3.18
C GLU A 23 -5.61 -55.34 2.73
N CYS A 24 -5.93 -54.61 1.64
CA CYS A 24 -5.11 -53.53 1.06
C CYS A 24 -5.05 -52.36 2.02
N THR A 25 -6.22 -51.95 2.54
CA THR A 25 -6.33 -50.83 3.46
C THR A 25 -5.53 -51.14 4.73
N LYS A 26 -5.72 -52.34 5.31
CA LYS A 26 -4.99 -52.75 6.53
C LYS A 26 -3.47 -52.58 6.31
N LEU A 27 -2.96 -53.13 5.20
CA LEU A 27 -1.55 -53.06 4.79
C LEU A 27 -1.01 -51.65 4.49
N LEU A 28 -1.81 -50.76 3.85
CA LEU A 28 -1.34 -49.46 3.39
C LEU A 28 -1.58 -48.26 4.31
N VAL A 29 -2.74 -48.20 4.98
CA VAL A 29 -3.12 -47.07 5.83
C VAL A 29 -2.06 -46.87 6.92
N GLY A 30 -1.53 -45.65 7.00
CA GLY A 30 -0.48 -45.30 7.95
C GLY A 30 0.88 -45.00 7.33
N ASN A 31 1.23 -45.67 6.23
CA ASN A 31 2.52 -45.50 5.55
C ASN A 31 2.64 -44.15 4.83
N ILE A 32 3.87 -43.70 4.57
CA ILE A 32 4.19 -42.42 3.89
C ILE A 32 4.76 -42.73 2.50
N VAL A 33 4.33 -42.00 1.44
CA VAL A 33 4.80 -42.27 0.07
C VAL A 33 5.50 -41.08 -0.56
N ILE A 34 6.45 -41.33 -1.47
CA ILE A 34 7.19 -40.30 -2.19
C ILE A 34 6.84 -40.31 -3.69
N THR A 35 6.55 -39.13 -4.24
CA THR A 35 6.24 -38.96 -5.66
C THR A 35 7.56 -38.82 -6.41
N ARG A 36 7.81 -39.64 -7.45
CA ARG A 36 9.06 -39.64 -8.23
C ARG A 36 9.30 -38.31 -8.97
N TYR A 37 8.20 -37.65 -9.37
CA TYR A 37 8.14 -36.36 -10.07
C TYR A 37 8.19 -35.13 -9.13
N ASN A 38 7.58 -35.22 -7.92
CA ASN A 38 7.44 -34.13 -6.96
C ASN A 38 8.34 -34.25 -5.71
N ASN A 39 8.83 -35.48 -5.40
CA ASN A 39 9.68 -35.85 -4.25
C ASN A 39 9.10 -35.37 -2.90
N ARG A 40 7.77 -35.19 -2.83
CA ARG A 40 7.05 -34.77 -1.63
C ARG A 40 6.49 -36.04 -0.95
N THR A 41 6.34 -36.00 0.38
CA THR A 41 5.84 -37.14 1.16
C THR A 41 4.42 -36.91 1.70
N TYR A 42 3.67 -38.01 1.97
CA TYR A 42 2.27 -38.00 2.49
C TYR A 42 1.92 -39.31 3.19
N ARG A 43 1.05 -39.25 4.22
CA ARG A 43 0.51 -40.42 4.90
C ARG A 43 -0.70 -40.91 4.11
N ILE A 44 -0.90 -42.25 4.04
CA ILE A 44 -2.06 -42.90 3.42
C ILE A 44 -3.08 -43.07 4.55
N ASP A 45 -4.22 -42.42 4.41
CA ASP A 45 -5.30 -42.39 5.40
C ASP A 45 -6.46 -43.28 5.01
N ASP A 46 -6.53 -43.64 3.70
CA ASP A 46 -7.56 -44.50 3.06
C ASP A 46 -7.29 -44.71 1.56
N VAL A 47 -8.11 -45.56 0.96
CA VAL A 47 -8.08 -45.86 -0.47
C VAL A 47 -9.49 -45.61 -1.02
N ASP A 48 -9.60 -44.82 -2.10
CA ASP A 48 -10.90 -44.62 -2.75
C ASP A 48 -11.00 -45.67 -3.85
N TRP A 49 -11.79 -46.68 -3.58
CA TRP A 49 -12.00 -47.81 -4.47
C TRP A 49 -12.97 -47.43 -5.62
N ASN A 50 -13.76 -46.36 -5.43
CA ASN A 50 -14.77 -45.86 -6.38
C ASN A 50 -14.25 -44.80 -7.36
N LYS A 51 -12.98 -44.37 -7.22
CA LYS A 51 -12.37 -43.38 -8.09
C LYS A 51 -11.23 -44.00 -8.87
N THR A 52 -10.93 -43.43 -10.04
CA THR A 52 -9.92 -43.89 -11.00
C THR A 52 -9.23 -42.67 -11.69
N PRO A 53 -7.99 -42.78 -12.26
CA PRO A 53 -7.40 -41.61 -12.97
C PRO A 53 -8.24 -41.08 -14.13
N LYS A 54 -9.22 -41.87 -14.61
CA LYS A 54 -10.18 -41.52 -15.67
C LYS A 54 -11.13 -40.45 -15.14
N ASP A 55 -11.34 -40.42 -13.81
CA ASP A 55 -12.25 -39.50 -13.15
C ASP A 55 -11.71 -38.08 -13.11
N SER A 56 -12.62 -37.13 -12.85
CA SER A 56 -12.30 -35.72 -12.81
C SER A 56 -12.32 -35.15 -11.39
N PHE A 57 -11.63 -34.05 -11.23
CA PHE A 57 -11.65 -33.26 -10.01
C PHE A 57 -11.86 -31.80 -10.41
N THR A 58 -12.52 -31.03 -9.54
CA THR A 58 -12.80 -29.62 -9.78
C THR A 58 -11.65 -28.77 -9.26
N MET A 59 -11.19 -27.81 -10.10
CA MET A 59 -10.14 -26.85 -9.72
C MET A 59 -10.77 -25.64 -9.02
N SER A 60 -9.94 -24.65 -8.59
CA SER A 60 -10.41 -23.53 -7.77
C SER A 60 -11.61 -22.79 -8.34
N ASP A 61 -11.60 -22.48 -9.66
CA ASP A 61 -12.69 -21.73 -10.28
C ASP A 61 -13.81 -22.63 -10.84
N GLY A 62 -13.69 -23.94 -10.59
CA GLY A 62 -14.68 -24.91 -11.01
C GLY A 62 -14.33 -25.70 -12.26
N LYS A 63 -13.22 -25.35 -12.94
CA LYS A 63 -12.77 -26.06 -14.13
C LYS A 63 -12.46 -27.52 -13.76
N GLU A 64 -13.00 -28.44 -14.56
CA GLU A 64 -12.81 -29.88 -14.36
C GLU A 64 -11.69 -30.39 -15.26
N ILE A 65 -10.88 -31.29 -14.69
CA ILE A 65 -9.74 -31.91 -15.37
C ILE A 65 -9.66 -33.36 -14.90
N THR A 66 -9.37 -34.31 -15.82
CA THR A 66 -9.18 -35.71 -15.42
C THR A 66 -7.77 -35.80 -14.83
N PHE A 67 -7.50 -36.79 -13.98
CA PHE A 67 -6.14 -36.97 -13.44
C PHE A 67 -5.18 -37.32 -14.60
N LEU A 68 -5.68 -38.04 -15.64
CA LEU A 68 -4.88 -38.35 -16.83
C LEU A 68 -4.36 -37.06 -17.45
N GLU A 69 -5.26 -36.07 -17.73
CA GLU A 69 -4.93 -34.76 -18.30
C GLU A 69 -4.08 -33.93 -17.34
N TYR A 70 -4.32 -34.06 -16.01
CA TYR A 70 -3.58 -33.36 -14.97
C TYR A 70 -2.11 -33.74 -14.96
N TYR A 71 -1.80 -35.04 -14.93
CA TYR A 71 -0.42 -35.50 -14.86
C TYR A 71 0.34 -35.28 -16.18
N SER A 72 -0.34 -35.37 -17.33
CA SER A 72 0.28 -35.13 -18.64
C SER A 72 0.60 -33.63 -18.84
N LYS A 73 -0.38 -32.75 -18.56
CA LYS A 73 -0.20 -31.30 -18.72
C LYS A 73 0.76 -30.68 -17.70
N ASN A 74 0.74 -31.19 -16.46
CA ASN A 74 1.57 -30.64 -15.38
C ASN A 74 2.98 -31.22 -15.28
N TYR A 75 3.15 -32.54 -15.51
CA TYR A 75 4.46 -33.17 -15.30
C TYR A 75 5.05 -33.89 -16.51
N GLY A 76 4.28 -34.02 -17.58
CA GLY A 76 4.70 -34.74 -18.78
C GLY A 76 4.67 -36.23 -18.56
N ILE A 77 3.86 -36.68 -17.57
CA ILE A 77 3.69 -38.08 -17.17
C ILE A 77 2.44 -38.67 -17.83
N THR A 78 2.63 -39.81 -18.50
CA THR A 78 1.56 -40.58 -19.11
C THR A 78 1.23 -41.75 -18.15
N VAL A 79 0.02 -41.71 -17.57
CA VAL A 79 -0.47 -42.73 -16.64
C VAL A 79 -0.82 -43.98 -17.45
N LYS A 80 -0.11 -45.08 -17.19
CA LYS A 80 -0.28 -46.35 -17.91
C LYS A 80 -1.52 -47.14 -17.47
N GLU A 81 -1.73 -47.31 -16.13
CA GLU A 81 -2.88 -48.04 -15.57
C GLU A 81 -4.04 -47.08 -15.25
N GLU A 82 -5.00 -46.96 -16.16
CA GLU A 82 -6.16 -46.06 -16.05
C GLU A 82 -7.29 -46.63 -15.14
N ASP A 83 -7.12 -47.84 -14.57
CA ASP A 83 -8.16 -48.49 -13.75
C ASP A 83 -7.80 -48.61 -12.26
N GLN A 84 -6.63 -48.06 -11.86
CA GLN A 84 -6.13 -48.12 -10.47
C GLN A 84 -6.99 -47.26 -9.51
N PRO A 85 -7.08 -47.63 -8.19
CA PRO A 85 -7.82 -46.76 -7.25
C PRO A 85 -6.96 -45.55 -6.86
N LEU A 86 -7.47 -44.70 -5.97
CA LEU A 86 -6.74 -43.51 -5.53
C LEU A 86 -6.39 -43.62 -4.06
N LEU A 87 -5.20 -43.10 -3.71
CA LEU A 87 -4.77 -43.07 -2.33
C LEU A 87 -5.21 -41.73 -1.73
N ILE A 88 -5.85 -41.80 -0.55
CA ILE A 88 -6.35 -40.63 0.19
C ILE A 88 -5.45 -40.25 1.34
N HIS A 89 -5.21 -38.94 1.45
CA HIS A 89 -4.50 -38.31 2.54
C HIS A 89 -5.43 -37.19 3.05
N ARG A 90 -6.01 -37.37 4.26
CA ARG A 90 -6.95 -36.47 4.92
C ARG A 90 -6.21 -35.48 5.87
N PRO A 91 -6.46 -34.15 5.72
CA PRO A 91 -5.74 -33.17 6.56
C PRO A 91 -6.35 -32.97 7.95
N SER A 92 -5.51 -32.46 8.87
CA SER A 92 -5.72 -32.27 10.32
C SER A 92 -6.54 -31.01 10.77
N GLU A 93 -7.21 -30.26 9.84
CA GLU A 93 -8.09 -29.12 10.15
C GLU A 93 -9.09 -28.93 8.97
N ARG A 94 -9.81 -30.01 8.66
CA ARG A 94 -10.70 -30.19 7.51
C ARG A 94 -12.18 -29.87 7.73
N GLN A 95 -12.67 -29.78 8.99
CA GLN A 95 -14.10 -29.48 9.22
C GLN A 95 -14.36 -28.77 10.56
N ASP A 96 -15.62 -28.31 10.76
CA ASP A 96 -16.05 -27.58 11.95
C ASP A 96 -17.55 -27.82 12.26
N ASN A 97 -17.99 -27.43 13.47
CA ASN A 97 -19.38 -27.47 13.94
C ASN A 97 -19.53 -26.67 15.25
N LEU A 101 -16.94 -28.41 5.80
CA LEU A 101 -15.71 -28.78 5.09
C LEU A 101 -14.81 -27.55 4.97
N LEU A 102 -13.63 -27.60 5.58
CA LEU A 102 -12.66 -26.50 5.64
C LEU A 102 -11.43 -26.73 4.78
N LYS A 103 -11.19 -27.99 4.41
CA LYS A 103 -10.09 -28.47 3.58
C LYS A 103 -10.53 -29.73 2.85
N GLY A 104 -10.05 -29.87 1.63
CA GLY A 104 -10.30 -31.05 0.81
C GLY A 104 -9.28 -32.14 1.09
N GLU A 105 -9.53 -33.34 0.57
CA GLU A 105 -8.67 -34.52 0.70
C GLU A 105 -7.60 -34.51 -0.39
N ILE A 106 -6.40 -35.00 -0.06
CA ILE A 106 -5.30 -35.14 -1.04
C ILE A 106 -5.47 -36.50 -1.72
N LEU A 107 -5.16 -36.57 -3.03
CA LEU A 107 -5.33 -37.79 -3.84
C LEU A 107 -4.12 -38.07 -4.71
N LEU A 108 -3.51 -39.22 -4.43
CA LEU A 108 -2.31 -39.75 -5.08
C LEU A 108 -2.57 -41.03 -5.84
N LEU A 109 -1.79 -41.23 -6.92
CA LEU A 109 -1.88 -42.42 -7.74
C LEU A 109 -0.90 -43.49 -7.24
N PRO A 110 -1.38 -44.75 -7.04
CA PRO A 110 -0.47 -45.81 -6.59
C PRO A 110 0.74 -46.03 -7.52
N GLU A 111 0.54 -45.82 -8.84
CA GLU A 111 1.54 -45.92 -9.91
C GLU A 111 2.71 -44.92 -9.72
N LEU A 112 2.44 -43.73 -9.11
CA LEU A 112 3.46 -42.70 -8.92
C LEU A 112 3.97 -42.61 -7.47
N SER A 113 3.43 -43.49 -6.59
CA SER A 113 3.75 -43.53 -5.15
C SER A 113 4.65 -44.72 -4.80
N PHE A 114 5.62 -44.47 -3.92
CA PHE A 114 6.60 -45.46 -3.49
C PHE A 114 6.57 -45.59 -1.99
N MET A 115 6.40 -46.82 -1.47
CA MET A 115 6.36 -47.17 -0.03
C MET A 115 7.63 -46.71 0.75
N THR A 116 7.45 -46.48 2.10
CA THR A 116 8.43 -46.12 3.15
C THR A 116 7.71 -45.36 4.31
N ASP B 3 -2.98 10.33 23.18
CA ASP B 3 -2.56 9.41 22.12
C ASP B 3 -2.01 10.11 20.87
N CYS B 4 -1.13 9.40 20.17
CA CYS B 4 -0.44 9.80 18.95
C CYS B 4 -1.46 9.89 17.82
N VAL B 5 -1.52 11.05 17.12
CA VAL B 5 -2.45 11.33 16.02
C VAL B 5 -2.45 10.23 14.94
N LEU B 6 -1.27 9.74 14.56
CA LEU B 6 -1.19 8.67 13.54
C LEU B 6 -1.87 7.39 14.02
N ASP B 7 -1.71 7.04 15.32
CA ASP B 7 -2.37 5.85 15.90
C ASP B 7 -3.88 6.00 15.89
N VAL B 8 -4.39 7.20 16.22
CA VAL B 8 -5.82 7.57 16.22
C VAL B 8 -6.32 7.40 14.79
N MET B 9 -5.57 7.93 13.79
CA MET B 9 -5.87 7.83 12.37
C MET B 9 -5.91 6.37 11.90
N HIS B 10 -4.94 5.53 12.34
CA HIS B 10 -4.88 4.09 11.99
C HIS B 10 -6.14 3.34 12.46
N ALA B 11 -6.62 3.66 13.69
CA ALA B 11 -7.82 3.10 14.28
C ALA B 11 -9.06 3.50 13.50
N ILE B 12 -9.16 4.77 13.05
CA ILE B 12 -10.28 5.27 12.22
C ILE B 12 -10.21 4.57 10.84
N TYR B 13 -8.99 4.38 10.29
CA TYR B 13 -8.79 3.70 9.01
C TYR B 13 -9.35 2.29 9.05
N GLN B 14 -8.99 1.55 10.12
CA GLN B 14 -9.38 0.17 10.37
C GLN B 14 -10.91 0.04 10.48
N GLN B 15 -11.59 1.00 11.15
CA GLN B 15 -13.05 0.99 11.29
C GLN B 15 -13.72 1.24 9.94
N ASN B 16 -13.12 2.11 9.10
CA ASN B 16 -13.63 2.42 7.77
C ASN B 16 -13.42 1.28 6.79
N LYS B 17 -12.30 0.53 6.95
CA LYS B 17 -11.92 -0.62 6.14
C LYS B 17 -12.94 -1.76 6.36
N GLU B 18 -13.29 -2.03 7.63
CA GLU B 18 -14.28 -3.03 8.06
C GLU B 18 -15.66 -2.65 7.49
N HIS B 19 -16.02 -1.36 7.53
CA HIS B 19 -17.27 -0.87 6.98
C HIS B 19 -17.35 -1.14 5.48
N PHE B 20 -16.25 -0.88 4.76
CA PHE B 20 -16.12 -1.10 3.31
C PHE B 20 -16.33 -2.58 2.96
N GLN B 21 -15.65 -3.46 3.69
CA GLN B 21 -15.72 -4.89 3.49
C GLN B 21 -17.11 -5.43 3.77
N ASP B 22 -17.76 -4.97 4.85
CA ASP B 22 -19.11 -5.37 5.19
C ASP B 22 -20.10 -4.87 4.16
N GLU B 23 -19.88 -3.67 3.61
CA GLU B 23 -20.73 -3.06 2.58
C GLU B 23 -20.69 -3.88 1.28
N CYS B 24 -19.51 -4.40 0.91
CA CYS B 24 -19.31 -5.20 -0.32
C CYS B 24 -19.91 -6.58 -0.18
N THR B 25 -19.68 -7.20 0.99
CA THR B 25 -20.16 -8.54 1.33
C THR B 25 -21.71 -8.50 1.36
N LYS B 26 -22.30 -7.47 2.00
CA LYS B 26 -23.76 -7.29 2.03
C LYS B 26 -24.33 -7.20 0.61
N LEU B 27 -23.67 -6.42 -0.26
CA LEU B 27 -24.03 -6.21 -1.65
C LEU B 27 -23.96 -7.45 -2.54
N LEU B 28 -22.94 -8.31 -2.35
CA LEU B 28 -22.64 -9.46 -3.21
C LEU B 28 -23.21 -10.83 -2.82
N VAL B 29 -23.29 -11.13 -1.52
CA VAL B 29 -23.78 -12.40 -1.00
C VAL B 29 -25.25 -12.59 -1.44
N GLY B 30 -25.50 -13.72 -2.09
CA GLY B 30 -26.82 -14.09 -2.62
C GLY B 30 -27.03 -13.72 -4.07
N ASN B 31 -26.09 -12.96 -4.64
CA ASN B 31 -26.13 -12.51 -6.04
C ASN B 31 -25.47 -13.53 -6.91
N ILE B 32 -25.87 -13.54 -8.19
CA ILE B 32 -25.37 -14.45 -9.21
C ILE B 32 -24.46 -13.66 -10.16
N VAL B 33 -23.23 -14.16 -10.31
CA VAL B 33 -22.23 -13.50 -11.15
C VAL B 33 -21.95 -14.39 -12.34
N ILE B 34 -21.35 -13.81 -13.37
CA ILE B 34 -20.92 -14.50 -14.58
C ILE B 34 -19.42 -14.26 -14.72
N THR B 35 -18.64 -15.31 -14.96
CA THR B 35 -17.21 -15.19 -15.28
C THR B 35 -17.24 -15.32 -16.77
N ARG B 36 -17.05 -14.20 -17.49
CA ARG B 36 -17.19 -14.18 -18.95
C ARG B 36 -16.08 -14.87 -19.71
N TYR B 37 -14.96 -15.24 -19.05
CA TYR B 37 -13.90 -15.98 -19.77
C TYR B 37 -14.35 -17.40 -20.16
N ASN B 38 -15.27 -18.01 -19.39
CA ASN B 38 -15.79 -19.36 -19.67
C ASN B 38 -17.33 -19.38 -19.67
N ASN B 39 -17.98 -18.24 -19.46
CA ASN B 39 -19.44 -18.02 -19.40
C ASN B 39 -20.13 -18.95 -18.39
N ARG B 40 -19.66 -18.93 -17.15
CA ARG B 40 -20.17 -19.77 -16.08
C ARG B 40 -20.81 -18.90 -15.06
N THR B 41 -21.99 -19.29 -14.58
CA THR B 41 -22.75 -18.55 -13.58
C THR B 41 -22.61 -19.16 -12.19
N TYR B 42 -22.43 -18.31 -11.15
CA TYR B 42 -22.30 -18.77 -9.77
C TYR B 42 -22.97 -17.81 -8.80
N ARG B 43 -23.72 -18.34 -7.84
CA ARG B 43 -24.30 -17.53 -6.77
C ARG B 43 -23.17 -17.33 -5.75
N ILE B 44 -22.93 -16.08 -5.35
CA ILE B 44 -21.86 -15.75 -4.40
C ILE B 44 -22.35 -16.02 -2.96
N ASP B 45 -21.58 -16.82 -2.20
CA ASP B 45 -21.96 -17.22 -0.86
C ASP B 45 -21.17 -16.53 0.26
N ASP B 46 -20.06 -15.85 -0.10
CA ASP B 46 -19.19 -15.10 0.79
C ASP B 46 -18.06 -14.43 0.03
N VAL B 47 -17.32 -13.55 0.73
CA VAL B 47 -16.13 -12.88 0.23
C VAL B 47 -15.00 -13.18 1.22
N ASP B 48 -13.87 -13.77 0.76
CA ASP B 48 -12.74 -14.00 1.63
C ASP B 48 -11.83 -12.78 1.53
N TRP B 49 -11.86 -11.94 2.56
CA TRP B 49 -11.05 -10.74 2.59
C TRP B 49 -9.61 -11.01 3.05
N ASN B 50 -9.36 -12.20 3.58
CA ASN B 50 -8.04 -12.64 4.04
C ASN B 50 -7.23 -13.37 2.96
N LYS B 51 -7.82 -13.57 1.76
CA LYS B 51 -7.16 -14.20 0.62
C LYS B 51 -7.05 -13.20 -0.52
N THR B 52 -6.05 -13.37 -1.37
CA THR B 52 -5.71 -12.49 -2.49
C THR B 52 -5.23 -13.35 -3.70
N PRO B 53 -5.27 -12.88 -4.97
CA PRO B 53 -4.75 -13.72 -6.07
C PRO B 53 -3.27 -14.11 -5.91
N LYS B 54 -2.52 -13.41 -5.03
CA LYS B 54 -1.11 -13.68 -4.68
C LYS B 54 -1.04 -14.99 -3.91
N ASP B 55 -2.14 -15.37 -3.23
CA ASP B 55 -2.20 -16.59 -2.44
C ASP B 55 -2.27 -17.84 -3.30
N SER B 56 -1.99 -18.97 -2.65
CA SER B 56 -1.96 -20.27 -3.30
C SER B 56 -3.11 -21.17 -2.88
N PHE B 57 -3.47 -22.09 -3.76
CA PHE B 57 -4.44 -23.13 -3.48
C PHE B 57 -3.80 -24.47 -3.81
N THR B 58 -4.22 -25.51 -3.08
CA THR B 58 -3.67 -26.86 -3.24
C THR B 58 -4.46 -27.63 -4.27
N MET B 59 -3.76 -28.29 -5.21
CA MET B 59 -4.37 -29.14 -6.23
C MET B 59 -4.53 -30.57 -5.68
N SER B 60 -5.02 -31.54 -6.51
CA SER B 60 -5.37 -32.89 -6.07
C SER B 60 -4.24 -33.64 -5.35
N ASP B 61 -3.04 -33.72 -5.97
CA ASP B 61 -1.91 -34.45 -5.38
C ASP B 61 -1.26 -33.66 -4.24
N GLY B 62 -1.43 -32.35 -4.23
CA GLY B 62 -0.87 -31.49 -3.20
C GLY B 62 -0.13 -30.27 -3.75
N LYS B 63 0.07 -30.24 -5.08
CA LYS B 63 0.79 -29.18 -5.77
C LYS B 63 0.09 -27.85 -5.55
N GLU B 64 0.88 -26.84 -5.16
CA GLU B 64 0.39 -25.50 -4.91
C GLU B 64 0.64 -24.61 -6.12
N ILE B 65 -0.32 -23.75 -6.43
CA ILE B 65 -0.26 -22.81 -7.54
C ILE B 65 -0.90 -21.49 -7.06
N THR B 66 -0.32 -20.31 -7.42
CA THR B 66 -0.97 -19.05 -7.07
C THR B 66 -2.14 -18.85 -8.04
N PHE B 67 -3.13 -18.03 -7.64
CA PHE B 67 -4.25 -17.73 -8.52
C PHE B 67 -3.75 -16.98 -9.77
N LEU B 68 -2.69 -16.15 -9.60
CA LEU B 68 -2.04 -15.40 -10.69
C LEU B 68 -1.53 -16.36 -11.75
N GLU B 69 -0.75 -17.40 -11.34
CA GLU B 69 -0.18 -18.43 -12.22
C GLU B 69 -1.29 -19.27 -12.88
N TYR B 70 -2.35 -19.57 -12.11
CA TYR B 70 -3.49 -20.37 -12.56
C TYR B 70 -4.19 -19.71 -13.75
N TYR B 71 -4.56 -18.42 -13.64
CA TYR B 71 -5.29 -17.75 -14.73
C TYR B 71 -4.43 -17.46 -15.96
N SER B 72 -3.13 -17.18 -15.77
CA SER B 72 -2.22 -16.95 -16.88
C SER B 72 -1.96 -18.26 -17.65
N LYS B 73 -1.65 -19.37 -16.93
CA LYS B 73 -1.35 -20.67 -17.57
C LYS B 73 -2.57 -21.34 -18.19
N ASN B 74 -3.77 -21.20 -17.57
CA ASN B 74 -4.98 -21.87 -18.07
C ASN B 74 -5.82 -21.08 -19.06
N TYR B 75 -5.84 -19.73 -18.97
CA TYR B 75 -6.71 -18.93 -19.85
C TYR B 75 -5.99 -17.85 -20.64
N GLY B 76 -4.72 -17.60 -20.35
CA GLY B 76 -3.97 -16.54 -20.98
C GLY B 76 -4.37 -15.16 -20.47
N ILE B 77 -4.98 -15.13 -19.25
CA ILE B 77 -5.44 -13.93 -18.57
C ILE B 77 -4.40 -13.44 -17.55
N THR B 78 -4.04 -12.16 -17.66
CA THR B 78 -3.11 -11.53 -16.72
C THR B 78 -3.96 -10.73 -15.72
N VAL B 79 -3.94 -11.15 -14.45
CA VAL B 79 -4.67 -10.51 -13.34
C VAL B 79 -3.92 -9.23 -12.98
N LYS B 80 -4.58 -8.08 -13.22
CA LYS B 80 -4.03 -6.74 -13.00
C LYS B 80 -3.99 -6.34 -11.52
N GLU B 81 -5.12 -6.55 -10.77
CA GLU B 81 -5.23 -6.19 -9.35
C GLU B 81 -4.88 -7.39 -8.46
N GLU B 82 -3.64 -7.42 -7.96
CA GLU B 82 -3.12 -8.50 -7.12
C GLU B 82 -3.53 -8.38 -5.64
N ASP B 83 -4.31 -7.36 -5.27
CA ASP B 83 -4.72 -7.11 -3.88
C ASP B 83 -6.22 -7.28 -3.61
N GLN B 84 -6.98 -7.69 -4.64
CA GLN B 84 -8.43 -7.92 -4.55
C GLN B 84 -8.79 -9.14 -3.65
N PRO B 85 -9.98 -9.20 -3.04
CA PRO B 85 -10.32 -10.40 -2.28
C PRO B 85 -10.84 -11.53 -3.21
N LEU B 86 -11.32 -12.64 -2.64
CA LEU B 86 -11.85 -13.75 -3.43
C LEU B 86 -13.32 -13.96 -3.16
N LEU B 87 -14.09 -14.27 -4.20
CA LEU B 87 -15.52 -14.54 -4.08
C LEU B 87 -15.68 -16.04 -3.88
N ILE B 88 -16.48 -16.41 -2.87
CA ILE B 88 -16.73 -17.80 -2.51
C ILE B 88 -18.12 -18.26 -2.97
N HIS B 89 -18.18 -19.41 -3.65
CA HIS B 89 -19.42 -20.08 -4.04
C HIS B 89 -19.38 -21.46 -3.39
N ARG B 90 -20.38 -21.76 -2.56
CA ARG B 90 -20.49 -23.05 -1.90
C ARG B 90 -21.52 -23.91 -2.65
N PRO B 91 -21.07 -24.93 -3.41
CA PRO B 91 -22.04 -25.80 -4.11
C PRO B 91 -22.67 -26.81 -3.16
N GLY B 104 -17.03 -28.99 -2.21
CA GLY B 104 -15.95 -28.06 -1.90
C GLY B 104 -16.10 -26.71 -2.58
N GLU B 105 -15.58 -25.65 -1.94
CA GLU B 105 -15.62 -24.23 -2.34
C GLU B 105 -15.12 -23.91 -3.75
N ILE B 106 -15.89 -23.08 -4.50
CA ILE B 106 -15.46 -22.53 -5.80
C ILE B 106 -14.98 -21.09 -5.53
N LEU B 107 -13.76 -20.74 -5.98
CA LEU B 107 -13.19 -19.43 -5.74
C LEU B 107 -13.04 -18.65 -7.03
N LEU B 108 -13.66 -17.45 -7.06
CA LEU B 108 -13.69 -16.54 -8.21
C LEU B 108 -13.08 -15.19 -7.90
N LEU B 109 -12.50 -14.57 -8.94
CA LEU B 109 -11.88 -13.25 -8.84
C LEU B 109 -12.88 -12.18 -9.19
N PRO B 110 -13.03 -11.14 -8.34
CA PRO B 110 -13.97 -10.03 -8.67
C PRO B 110 -13.70 -9.38 -10.04
N GLU B 111 -12.41 -9.32 -10.45
CA GLU B 111 -11.92 -8.75 -11.70
C GLU B 111 -12.48 -9.50 -12.92
N LEU B 112 -12.75 -10.82 -12.77
CA LEU B 112 -13.25 -11.66 -13.88
C LEU B 112 -14.75 -11.97 -13.74
N SER B 113 -15.42 -11.36 -12.75
CA SER B 113 -16.81 -11.59 -12.39
C SER B 113 -17.70 -10.40 -12.66
N PHE B 114 -18.90 -10.67 -13.19
CA PHE B 114 -19.86 -9.65 -13.61
C PHE B 114 -21.22 -9.96 -13.05
N MET B 115 -21.90 -8.91 -12.63
CA MET B 115 -23.25 -9.00 -12.09
C MET B 115 -24.27 -9.32 -13.19
N THR B 116 -25.31 -10.08 -12.82
CA THR B 116 -26.38 -10.47 -13.74
C THR B 116 -27.71 -9.90 -13.22
N GLY B 117 -28.32 -10.65 -12.29
CA GLY B 117 -29.62 -10.42 -11.66
C GLY B 117 -30.33 -11.76 -11.63
N ILE B 118 -30.79 -12.20 -10.43
CA ILE B 118 -31.53 -13.45 -10.16
C ILE B 118 -31.54 -13.76 -8.66
N ARG C 1 -27.25 -3.01 -12.90
CA ARG C 1 -25.92 -3.59 -12.80
C ARG C 1 -25.72 -4.83 -13.70
N ASN C 2 -24.61 -4.78 -14.50
CA ASN C 2 -24.11 -5.76 -15.47
C ASN C 2 -22.55 -5.62 -15.53
N ASP C 3 -22.01 -4.71 -14.67
CA ASP C 3 -20.62 -4.31 -14.52
C ASP C 3 -19.75 -5.32 -13.76
N CYS C 4 -18.43 -5.11 -13.87
CA CYS C 4 -17.37 -5.92 -13.28
C CYS C 4 -17.38 -5.70 -11.76
N VAL C 5 -17.44 -6.79 -10.98
CA VAL C 5 -17.50 -6.79 -9.51
C VAL C 5 -16.37 -5.94 -8.89
N LEU C 6 -15.12 -6.06 -9.40
CA LEU C 6 -13.99 -5.27 -8.89
C LEU C 6 -14.25 -3.77 -9.09
N ASP C 7 -14.82 -3.36 -10.24
CA ASP C 7 -15.14 -1.95 -10.51
C ASP C 7 -16.19 -1.42 -9.53
N VAL C 8 -17.21 -2.22 -9.25
CA VAL C 8 -18.30 -1.93 -8.30
C VAL C 8 -17.66 -1.75 -6.90
N MET C 9 -16.76 -2.67 -6.52
CA MET C 9 -16.00 -2.64 -5.28
C MET C 9 -15.10 -1.40 -5.18
N HIS C 10 -14.44 -0.99 -6.30
CA HIS C 10 -13.56 0.20 -6.34
C HIS C 10 -14.35 1.47 -6.03
N ALA C 11 -15.59 1.56 -6.56
CA ALA C 11 -16.50 2.68 -6.34
C ALA C 11 -16.93 2.75 -4.87
N ILE C 12 -17.24 1.59 -4.24
CA ILE C 12 -17.58 1.51 -2.81
C ILE C 12 -16.33 1.87 -1.95
N TYR C 13 -15.12 1.42 -2.37
CA TYR C 13 -13.87 1.74 -1.71
C TYR C 13 -13.63 3.24 -1.67
N GLN C 14 -13.81 3.91 -2.81
CA GLN C 14 -13.64 5.34 -3.00
C GLN C 14 -14.57 6.15 -2.09
N GLN C 15 -15.83 5.71 -1.96
CA GLN C 15 -16.82 6.38 -1.09
C GLN C 15 -16.42 6.23 0.38
N ASN C 16 -15.88 5.05 0.77
CA ASN C 16 -15.41 4.76 2.12
C ASN C 16 -14.13 5.50 2.46
N LYS C 17 -13.24 5.71 1.46
CA LYS C 17 -11.96 6.42 1.58
C LYS C 17 -12.23 7.91 1.93
N GLU C 18 -13.16 8.55 1.18
CA GLU C 18 -13.62 9.92 1.36
C GLU C 18 -14.24 10.06 2.76
N HIS C 19 -15.07 9.10 3.18
CA HIS C 19 -15.69 9.08 4.51
C HIS C 19 -14.61 9.05 5.60
N PHE C 20 -13.56 8.22 5.43
CA PHE C 20 -12.44 8.11 6.35
C PHE C 20 -11.70 9.45 6.51
N GLN C 21 -11.37 10.09 5.38
CA GLN C 21 -10.62 11.35 5.35
C GLN C 21 -11.44 12.46 6.00
N ASP C 22 -12.76 12.51 5.71
CA ASP C 22 -13.67 13.48 6.31
C ASP C 22 -13.85 13.23 7.81
N GLU C 23 -13.85 11.96 8.24
CA GLU C 23 -13.99 11.57 9.65
C GLU C 23 -12.79 12.01 10.45
N CYS C 24 -11.58 11.89 9.86
CA CYS C 24 -10.31 12.31 10.47
C CYS C 24 -10.27 13.81 10.61
N THR C 25 -10.61 14.53 9.52
CA THR C 25 -10.63 15.99 9.50
C THR C 25 -11.66 16.52 10.52
N LYS C 26 -12.90 15.98 10.53
CA LYS C 26 -13.92 16.39 11.50
C LYS C 26 -13.38 16.29 12.93
N LEU C 27 -12.75 15.17 13.28
CA LEU C 27 -12.16 14.89 14.59
C LEU C 27 -10.96 15.76 14.93
N LEU C 28 -10.11 16.04 13.92
CA LEU C 28 -8.86 16.78 14.11
C LEU C 28 -8.92 18.29 13.85
N VAL C 29 -9.48 18.72 12.70
CA VAL C 29 -9.55 20.13 12.27
C VAL C 29 -10.37 20.91 13.29
N GLY C 30 -9.65 21.65 14.11
CA GLY C 30 -10.18 22.40 15.24
C GLY C 30 -9.55 21.97 16.56
N ASN C 31 -9.25 20.66 16.72
CA ASN C 31 -8.61 20.13 17.94
C ASN C 31 -7.17 20.66 18.07
N ILE C 32 -6.58 20.56 19.28
CA ILE C 32 -5.23 21.07 19.53
C ILE C 32 -4.22 19.93 19.75
N VAL C 33 -3.23 19.86 18.88
CA VAL C 33 -2.17 18.87 18.97
C VAL C 33 -0.98 19.38 19.80
N ILE C 34 -0.22 18.48 20.43
CA ILE C 34 1.00 18.81 21.15
C ILE C 34 2.16 18.03 20.50
N THR C 35 3.25 18.73 20.19
CA THR C 35 4.47 18.16 19.61
C THR C 35 5.38 17.85 20.81
N ARG C 36 5.57 16.55 21.12
CA ARG C 36 6.34 16.08 22.28
C ARG C 36 7.78 16.63 22.33
N TYR C 37 8.49 16.73 21.17
CA TYR C 37 9.88 17.16 21.10
C TYR C 37 10.15 18.61 21.52
N ASN C 38 9.13 19.46 21.52
CA ASN C 38 9.35 20.85 21.88
C ASN C 38 8.27 21.36 22.83
N ASN C 39 7.27 20.51 23.12
CA ASN C 39 6.13 20.80 24.00
C ASN C 39 5.32 22.00 23.48
N ARG C 40 5.13 22.09 22.14
CA ARG C 40 4.37 23.19 21.52
C ARG C 40 2.98 22.72 21.15
N THR C 41 2.01 23.63 21.22
CA THR C 41 0.61 23.33 20.92
C THR C 41 0.16 24.06 19.68
N TYR C 42 -0.63 23.38 18.82
CA TYR C 42 -1.15 23.98 17.59
C TYR C 42 -2.58 23.53 17.30
N ARG C 43 -3.49 24.48 16.92
CA ARG C 43 -4.86 24.19 16.51
C ARG C 43 -4.74 23.70 15.06
N ILE C 44 -5.00 22.40 14.86
CA ILE C 44 -4.94 21.79 13.55
C ILE C 44 -6.06 22.39 12.71
N ASP C 45 -5.69 23.00 11.58
CA ASP C 45 -6.63 23.68 10.70
C ASP C 45 -7.15 22.78 9.59
N ASP C 46 -6.30 21.85 9.12
CA ASP C 46 -6.57 20.92 8.04
C ASP C 46 -5.56 19.76 8.02
N VAL C 47 -5.81 18.78 7.15
CA VAL C 47 -4.95 17.62 6.91
C VAL C 47 -4.64 17.59 5.42
N ASP C 48 -3.35 17.55 5.05
CA ASP C 48 -2.98 17.44 3.65
C ASP C 48 -2.80 15.96 3.37
N TRP C 49 -3.80 15.38 2.70
CA TRP C 49 -3.83 13.98 2.33
C TRP C 49 -2.90 13.69 1.16
N ASN C 50 -2.51 14.72 0.39
CA ASN C 50 -1.66 14.63 -0.80
C ASN C 50 -0.15 14.83 -0.53
N LYS C 51 0.24 15.09 0.72
CA LYS C 51 1.66 15.31 1.06
C LYS C 51 2.14 14.23 2.01
N THR C 52 3.47 13.98 2.05
CA THR C 52 4.09 12.91 2.86
C THR C 52 5.49 13.36 3.42
N PRO C 53 6.05 12.76 4.53
CA PRO C 53 7.39 13.17 5.00
C PRO C 53 8.51 12.97 3.98
N LYS C 54 8.25 12.17 2.92
CA LYS C 54 9.16 11.91 1.80
C LYS C 54 9.32 13.19 0.96
N ASP C 55 8.27 14.05 0.92
CA ASP C 55 8.25 15.32 0.18
C ASP C 55 9.25 16.35 0.76
N SER C 56 9.67 17.31 -0.06
CA SER C 56 10.63 18.34 0.31
C SER C 56 10.00 19.70 0.49
N PHE C 57 10.66 20.54 1.27
CA PHE C 57 10.29 21.93 1.43
C PHE C 57 11.56 22.79 1.21
N THR C 58 11.37 24.01 0.72
CA THR C 58 12.46 24.92 0.43
C THR C 58 12.79 25.77 1.66
N MET C 59 14.09 25.88 1.97
CA MET C 59 14.59 26.73 3.06
C MET C 59 14.83 28.16 2.54
N SER C 60 15.28 29.08 3.42
CA SER C 60 15.43 30.52 3.13
C SER C 60 16.23 30.83 1.85
N ASP C 61 17.34 30.13 1.60
CA ASP C 61 18.16 30.42 0.42
C ASP C 61 17.86 29.49 -0.77
N GLY C 62 16.82 28.69 -0.72
CA GLY C 62 16.51 27.78 -1.82
C GLY C 62 16.91 26.33 -1.60
N LYS C 63 17.60 26.02 -0.48
CA LYS C 63 18.04 24.66 -0.21
C LYS C 63 16.82 23.80 0.14
N GLU C 64 16.73 22.64 -0.49
CA GLU C 64 15.64 21.69 -0.27
C GLU C 64 16.06 20.60 0.72
N ILE C 65 15.12 20.22 1.59
CA ILE C 65 15.31 19.17 2.58
C ILE C 65 14.00 18.39 2.70
N THR C 66 14.08 17.07 2.89
CA THR C 66 12.85 16.26 3.08
C THR C 66 12.46 16.44 4.53
N PHE C 67 11.19 16.20 4.83
CA PHE C 67 10.76 16.28 6.21
C PHE C 67 11.54 15.26 7.06
N LEU C 68 11.88 14.11 6.44
CA LEU C 68 12.69 13.04 7.05
C LEU C 68 14.06 13.56 7.53
N GLU C 69 14.80 14.27 6.64
CA GLU C 69 16.12 14.82 6.95
C GLU C 69 16.02 15.98 7.95
N TYR C 70 14.91 16.74 7.89
CA TYR C 70 14.65 17.85 8.79
C TYR C 70 14.54 17.40 10.24
N TYR C 71 13.73 16.37 10.52
CA TYR C 71 13.53 15.91 11.89
C TYR C 71 14.75 15.19 12.47
N SER C 72 15.52 14.47 11.61
CA SER C 72 16.72 13.78 12.04
C SER C 72 17.85 14.79 12.37
N LYS C 73 18.09 15.77 11.47
CA LYS C 73 19.13 16.78 11.66
C LYS C 73 18.83 17.77 12.79
N ASN C 74 17.55 18.17 12.98
CA ASN C 74 17.18 19.17 13.98
C ASN C 74 16.83 18.64 15.36
N TYR C 75 16.23 17.43 15.46
CA TYR C 75 15.79 16.91 16.75
C TYR C 75 16.34 15.54 17.12
N GLY C 76 17.02 14.87 16.19
CA GLY C 76 17.53 13.52 16.42
C GLY C 76 16.42 12.49 16.39
N ILE C 77 15.30 12.83 15.71
CA ILE C 77 14.12 11.99 15.56
C ILE C 77 14.12 11.28 14.20
N THR C 78 13.92 9.96 14.22
CA THR C 78 13.85 9.14 13.03
C THR C 78 12.36 8.85 12.78
N VAL C 79 11.81 9.39 11.67
CA VAL C 79 10.42 9.21 11.26
C VAL C 79 10.27 7.79 10.69
N LYS C 80 9.48 6.96 11.36
CA LYS C 80 9.25 5.56 11.00
C LYS C 80 8.25 5.40 9.85
N GLU C 81 7.10 6.10 9.88
CA GLU C 81 6.06 6.02 8.85
C GLU C 81 6.23 7.11 7.80
N GLU C 82 6.85 6.74 6.68
CA GLU C 82 7.16 7.65 5.58
C GLU C 82 5.98 7.91 4.63
N ASP C 83 4.79 7.30 4.87
CA ASP C 83 3.62 7.45 4.01
C ASP C 83 2.44 8.22 4.66
N GLN C 84 2.63 8.71 5.90
CA GLN C 84 1.63 9.46 6.66
C GLN C 84 1.29 10.84 6.03
N PRO C 85 0.05 11.38 6.23
CA PRO C 85 -0.26 12.71 5.68
C PRO C 85 0.36 13.81 6.58
N LEU C 86 0.12 15.09 6.27
CA LEU C 86 0.65 16.17 7.07
C LEU C 86 -0.49 16.97 7.71
N LEU C 87 -0.24 17.47 8.93
CA LEU C 87 -1.22 18.28 9.64
C LEU C 87 -0.87 19.74 9.34
N ILE C 88 -1.87 20.52 8.96
CA ILE C 88 -1.72 21.93 8.59
C ILE C 88 -2.19 22.85 9.69
N HIS C 89 -1.29 23.75 10.12
CA HIS C 89 -1.58 24.80 11.10
C HIS C 89 -1.38 26.13 10.39
N ARG C 90 -2.49 26.86 10.22
CA ARG C 90 -2.52 28.16 9.54
C ARG C 90 -2.55 29.32 10.57
N PRO C 91 -1.40 29.98 10.86
CA PRO C 91 -1.42 31.07 11.84
C PRO C 91 -1.88 32.39 11.25
N GLU C 105 1.42 26.79 6.07
CA GLU C 105 2.45 27.54 6.80
C GLU C 105 3.19 26.64 7.80
N ILE C 106 2.54 26.19 8.90
CA ILE C 106 3.17 25.25 9.84
C ILE C 106 2.70 23.82 9.50
N LEU C 107 3.65 22.93 9.21
CA LEU C 107 3.35 21.55 8.88
C LEU C 107 3.91 20.61 9.95
N LEU C 108 3.00 19.79 10.53
CA LEU C 108 3.30 18.84 11.58
C LEU C 108 3.03 17.40 11.15
N LEU C 109 3.80 16.47 11.69
CA LEU C 109 3.66 15.04 11.42
C LEU C 109 2.73 14.40 12.44
N PRO C 110 1.73 13.62 11.98
CA PRO C 110 0.83 12.93 12.92
C PRO C 110 1.57 12.02 13.92
N GLU C 111 2.70 11.44 13.49
CA GLU C 111 3.56 10.55 14.28
C GLU C 111 4.20 11.29 15.49
N LEU C 112 4.39 12.59 15.39
CA LEU C 112 5.04 13.40 16.44
C LEU C 112 4.06 14.30 17.19
N SER C 113 2.77 14.22 16.81
CA SER C 113 1.67 15.00 17.39
C SER C 113 0.78 14.13 18.27
N PHE C 114 0.36 14.71 19.38
CA PHE C 114 -0.46 14.06 20.38
C PHE C 114 -1.66 14.90 20.67
N MET C 115 -2.79 14.24 20.87
CA MET C 115 -4.03 14.91 21.20
C MET C 115 -3.93 15.41 22.61
N THR C 116 -4.61 16.54 22.90
CA THR C 116 -4.55 17.14 24.23
C THR C 116 -5.60 16.50 25.14
N GLY C 117 -6.45 15.69 24.52
CA GLY C 117 -7.48 14.86 25.11
C GLY C 117 -7.58 13.58 24.27
N ILE C 118 -8.80 13.17 23.82
CA ILE C 118 -10.12 13.76 24.10
C ILE C 118 -10.72 13.03 25.33
N ASP D 3 17.71 74.17 13.37
CA ASP D 3 17.66 74.00 14.83
C ASP D 3 19.03 73.47 15.39
N CYS D 4 19.02 72.34 16.14
CA CYS D 4 20.18 71.66 16.71
C CYS D 4 20.97 71.06 15.52
N VAL D 5 22.28 71.35 15.42
CA VAL D 5 23.18 70.91 14.35
C VAL D 5 23.10 69.39 14.11
N LEU D 6 23.09 68.58 15.20
CA LEU D 6 23.00 67.12 15.03
C LEU D 6 21.68 66.69 14.35
N ASP D 7 20.56 67.34 14.69
CA ASP D 7 19.25 67.06 14.08
C ASP D 7 19.25 67.40 12.60
N VAL D 8 19.85 68.57 12.24
CA VAL D 8 20.03 69.04 10.86
C VAL D 8 20.84 68.02 10.08
N MET D 9 21.95 67.56 10.68
CA MET D 9 22.83 66.51 10.15
C MET D 9 22.09 65.19 9.94
N HIS D 10 21.24 64.77 10.91
CA HIS D 10 20.45 63.52 10.82
C HIS D 10 19.51 63.56 9.61
N ALA D 11 18.86 64.73 9.36
CA ALA D 11 17.96 64.95 8.23
C ALA D 11 18.69 64.85 6.90
N ILE D 12 19.91 65.44 6.80
CA ILE D 12 20.73 65.34 5.59
C ILE D 12 21.18 63.87 5.38
N TYR D 13 21.54 63.19 6.49
CA TYR D 13 21.97 61.79 6.48
C TYR D 13 20.87 60.90 5.91
N GLN D 14 19.64 61.08 6.40
CA GLN D 14 18.45 60.35 6.02
C GLN D 14 18.14 60.51 4.53
N GLN D 15 18.32 61.72 3.97
CA GLN D 15 18.09 61.97 2.53
C GLN D 15 19.16 61.24 1.69
N ASN D 16 20.41 61.22 2.18
CA ASN D 16 21.51 60.53 1.51
C ASN D 16 21.41 59.01 1.61
N LYS D 17 20.84 58.50 2.73
CA LYS D 17 20.61 57.08 3.00
C LYS D 17 19.59 56.52 2.01
N GLU D 18 18.48 57.24 1.81
CA GLU D 18 17.41 56.92 0.87
C GLU D 18 17.97 56.88 -0.55
N HIS D 19 18.81 57.86 -0.91
CA HIS D 19 19.46 57.91 -2.22
C HIS D 19 20.34 56.68 -2.46
N PHE D 20 21.10 56.26 -1.44
CA PHE D 20 21.98 55.09 -1.47
C PHE D 20 21.18 53.82 -1.71
N GLN D 21 20.08 53.64 -0.95
CA GLN D 21 19.22 52.47 -1.03
C GLN D 21 18.55 52.37 -2.37
N ASP D 22 18.06 53.51 -2.90
CA ASP D 22 17.43 53.55 -4.23
C ASP D 22 18.45 53.25 -5.33
N GLU D 23 19.69 53.71 -5.16
CA GLU D 23 20.78 53.51 -6.11
C GLU D 23 21.15 52.04 -6.22
N CYS D 24 21.17 51.33 -5.07
CA CYS D 24 21.48 49.91 -4.96
C CYS D 24 20.37 49.09 -5.61
N THR D 25 19.10 49.41 -5.27
CA THR D 25 17.92 48.71 -5.82
C THR D 25 17.89 48.87 -7.33
N LYS D 26 18.06 50.13 -7.85
CA LYS D 26 18.07 50.40 -9.29
C LYS D 26 19.07 49.48 -9.99
N LEU D 27 20.30 49.41 -9.45
CA LEU D 27 21.40 48.60 -9.96
C LEU D 27 21.17 47.08 -9.88
N LEU D 28 20.52 46.57 -8.81
CA LEU D 28 20.37 45.14 -8.59
C LEU D 28 19.07 44.48 -9.06
N VAL D 29 17.92 45.16 -8.95
CA VAL D 29 16.63 44.59 -9.34
C VAL D 29 16.66 44.24 -10.85
N GLY D 30 16.44 42.96 -11.18
CA GLY D 30 16.47 42.44 -12.54
C GLY D 30 17.73 41.66 -12.88
N ASN D 31 18.80 41.87 -12.08
CA ASN D 31 20.11 41.24 -12.20
C ASN D 31 20.06 39.83 -11.61
N ILE D 32 20.89 38.96 -12.19
CA ILE D 32 21.05 37.57 -11.79
C ILE D 32 22.32 37.53 -10.95
N VAL D 33 22.24 36.92 -9.80
CA VAL D 33 23.38 36.73 -8.90
C VAL D 33 23.70 35.24 -8.78
N ILE D 34 24.94 34.93 -8.42
CA ILE D 34 25.43 33.58 -8.18
C ILE D 34 25.88 33.53 -6.73
N THR D 35 25.44 32.50 -6.01
CA THR D 35 25.88 32.26 -4.64
C THR D 35 26.92 31.18 -4.84
N ARG D 36 28.19 31.55 -4.71
CA ARG D 36 29.31 30.65 -4.98
C ARG D 36 29.39 29.43 -4.05
N TYR D 37 28.81 29.47 -2.82
CA TYR D 37 28.87 28.33 -1.88
C TYR D 37 28.12 27.08 -2.39
N ASN D 38 27.12 27.26 -3.27
CA ASN D 38 26.32 26.17 -3.82
C ASN D 38 26.20 26.29 -5.35
N ASN D 39 26.84 27.31 -5.95
CA ASN D 39 26.82 27.58 -7.39
C ASN D 39 25.39 27.64 -7.97
N ARG D 40 24.51 28.35 -7.27
CA ARG D 40 23.13 28.55 -7.69
C ARG D 40 22.96 29.95 -8.19
N THR D 41 22.07 30.10 -9.13
CA THR D 41 21.82 31.37 -9.79
C THR D 41 20.40 31.82 -9.51
N TYR D 42 20.19 33.13 -9.23
CA TYR D 42 18.85 33.68 -8.97
C TYR D 42 18.75 35.11 -9.47
N ARG D 43 17.58 35.48 -9.98
CA ARG D 43 17.32 36.86 -10.39
C ARG D 43 16.78 37.62 -9.19
N ILE D 44 17.30 38.85 -8.94
CA ILE D 44 16.86 39.68 -7.79
C ILE D 44 15.64 40.48 -8.17
N ASP D 45 14.61 40.37 -7.35
CA ASP D 45 13.32 41.02 -7.51
C ASP D 45 13.21 42.23 -6.63
N ASP D 46 13.93 42.25 -5.48
CA ASP D 46 13.90 43.33 -4.49
C ASP D 46 15.03 43.18 -3.48
N VAL D 47 15.21 44.25 -2.66
CA VAL D 47 16.17 44.31 -1.54
C VAL D 47 15.37 44.66 -0.29
N ASP D 48 15.46 43.82 0.76
CA ASP D 48 14.78 44.14 2.02
C ASP D 48 15.79 44.89 2.87
N TRP D 49 15.60 46.20 2.96
CA TRP D 49 16.48 47.06 3.74
C TRP D 49 16.16 47.01 5.24
N ASN D 50 14.96 46.50 5.60
CA ASN D 50 14.48 46.38 6.97
C ASN D 50 14.84 45.02 7.63
N LYS D 51 15.48 44.11 6.89
CA LYS D 51 15.91 42.80 7.40
C LYS D 51 17.42 42.70 7.38
N THR D 52 17.97 41.87 8.24
CA THR D 52 19.41 41.72 8.45
C THR D 52 19.72 40.22 8.80
N PRO D 53 20.97 39.70 8.60
CA PRO D 53 21.23 38.30 8.98
C PRO D 53 20.97 37.98 10.47
N LYS D 54 20.87 39.03 11.31
CA LYS D 54 20.56 38.94 12.75
C LYS D 54 19.10 38.50 12.92
N ASP D 55 18.25 38.76 11.92
CA ASP D 55 16.84 38.41 11.94
C ASP D 55 16.60 36.90 11.80
N SER D 56 15.42 36.46 12.19
CA SER D 56 15.04 35.05 12.15
C SER D 56 13.99 34.76 11.10
N PHE D 57 13.93 33.50 10.67
CA PHE D 57 12.92 32.99 9.76
C PHE D 57 12.36 31.70 10.36
N THR D 58 11.08 31.41 10.09
CA THR D 58 10.39 30.24 10.63
C THR D 58 10.55 29.06 9.69
N MET D 59 10.90 27.89 10.24
CA MET D 59 11.03 26.66 9.46
C MET D 59 9.67 25.93 9.39
N SER D 60 9.60 24.77 8.71
CA SER D 60 8.35 24.04 8.46
C SER D 60 7.51 23.76 9.69
N ASP D 61 8.13 23.35 10.81
CA ASP D 61 7.38 23.02 12.02
C ASP D 61 7.26 24.23 12.96
N GLY D 62 7.77 25.38 12.53
CA GLY D 62 7.71 26.60 13.31
C GLY D 62 8.98 26.99 14.05
N LYS D 63 10.00 26.13 14.01
CA LYS D 63 11.29 26.41 14.66
C LYS D 63 11.92 27.64 13.99
N GLU D 64 12.35 28.59 14.81
CA GLU D 64 13.00 29.83 14.37
C GLU D 64 14.52 29.68 14.43
N ILE D 65 15.19 30.19 13.41
CA ILE D 65 16.64 30.16 13.28
C ILE D 65 17.06 31.51 12.69
N THR D 66 18.16 32.10 13.18
CA THR D 66 18.63 33.35 12.58
C THR D 66 19.35 32.98 11.30
N PHE D 67 19.57 33.94 10.40
CA PHE D 67 20.30 33.66 9.17
C PHE D 67 21.75 33.31 9.52
N LEU D 68 22.31 33.93 10.58
CA LEU D 68 23.67 33.68 11.07
C LEU D 68 23.88 32.22 11.42
N GLU D 69 22.97 31.65 12.24
CA GLU D 69 23.03 30.24 12.67
C GLU D 69 22.75 29.29 11.49
N TYR D 70 21.84 29.70 10.55
CA TYR D 70 21.51 28.94 9.34
C TYR D 70 22.75 28.69 8.47
N TYR D 71 23.52 29.75 8.16
CA TYR D 71 24.69 29.60 7.30
C TYR D 71 25.85 28.89 8.01
N SER D 72 26.03 29.11 9.32
CA SER D 72 27.05 28.42 10.13
C SER D 72 26.72 26.91 10.25
N LYS D 73 25.47 26.53 10.60
CA LYS D 73 25.07 25.11 10.76
C LYS D 73 24.98 24.34 9.45
N ASN D 74 24.52 24.98 8.34
CA ASN D 74 24.35 24.30 7.06
C ASN D 74 25.56 24.30 6.13
N TYR D 75 26.39 25.35 6.15
CA TYR D 75 27.51 25.45 5.19
C TYR D 75 28.88 25.68 5.82
N GLY D 76 28.92 25.92 7.13
CA GLY D 76 30.17 26.19 7.83
C GLY D 76 30.70 27.58 7.53
N ILE D 77 29.78 28.48 7.09
CA ILE D 77 30.05 29.87 6.73
C ILE D 77 29.74 30.79 7.91
N THR D 78 30.72 31.63 8.26
CA THR D 78 30.58 32.63 9.30
C THR D 78 30.33 33.96 8.56
N VAL D 79 29.12 34.52 8.77
CA VAL D 79 28.71 35.78 8.17
C VAL D 79 29.43 36.92 8.92
N LYS D 80 30.30 37.66 8.23
CA LYS D 80 31.10 38.73 8.82
C LYS D 80 30.29 40.02 9.03
N GLU D 81 29.53 40.47 8.02
CA GLU D 81 28.73 41.70 8.11
C GLU D 81 27.29 41.39 8.54
N GLU D 82 27.01 41.55 9.84
CA GLU D 82 25.71 41.26 10.45
C GLU D 82 24.67 42.38 10.24
N ASP D 83 25.04 43.48 9.55
CA ASP D 83 24.16 44.64 9.33
C ASP D 83 23.69 44.82 7.87
N GLN D 84 24.10 43.91 6.97
CA GLN D 84 23.76 43.94 5.54
C GLN D 84 22.27 43.69 5.26
N PRO D 85 21.69 44.23 4.16
CA PRO D 85 20.29 43.91 3.84
C PRO D 85 20.15 42.51 3.21
N LEU D 86 18.94 42.11 2.85
CA LEU D 86 18.69 40.81 2.22
C LEU D 86 18.20 40.98 0.80
N LEU D 87 18.66 40.11 -0.10
CA LEU D 87 18.24 40.13 -1.49
C LEU D 87 17.04 39.19 -1.60
N ILE D 88 15.98 39.66 -2.26
CA ILE D 88 14.74 38.91 -2.42
C ILE D 88 14.58 38.36 -3.84
N HIS D 89 14.30 37.05 -3.93
CA HIS D 89 13.92 36.37 -5.14
C HIS D 89 12.56 35.75 -4.90
N ARG D 90 11.60 36.08 -5.76
CA ARG D 90 10.24 35.53 -5.70
C ARG D 90 10.14 34.36 -6.71
N PRO D 91 10.17 33.08 -6.30
CA PRO D 91 10.20 31.96 -7.28
C PRO D 91 8.87 31.63 -8.01
N GLU D 93 7.12 29.36 -9.43
CA GLU D 93 5.78 28.75 -9.33
C GLU D 93 5.38 28.72 -7.84
N ARG D 94 5.21 29.93 -7.28
CA ARG D 94 4.96 30.20 -5.86
C ARG D 94 3.48 30.17 -5.38
N GLN D 95 2.52 30.23 -6.30
CA GLN D 95 1.10 30.28 -5.94
C GLN D 95 0.29 29.34 -6.85
N ASP D 96 -0.67 28.63 -6.24
CA ASP D 96 -1.56 27.73 -6.97
C ASP D 96 -2.83 28.51 -7.32
N ASN D 97 -3.78 27.88 -8.00
CA ASN D 97 -5.04 28.54 -8.40
C ASN D 97 -5.98 28.90 -7.21
N HIS D 98 -5.79 28.24 -6.04
CA HIS D 98 -6.56 28.49 -4.81
C HIS D 98 -6.01 29.67 -4.02
N GLY D 99 -4.95 30.28 -4.55
CA GLY D 99 -4.28 31.43 -3.98
C GLY D 99 -3.29 31.05 -2.90
N MET D 100 -3.13 29.74 -2.63
CA MET D 100 -2.22 29.25 -1.62
C MET D 100 -0.77 29.37 -2.06
N LEU D 101 0.06 29.84 -1.14
CA LEU D 101 1.50 29.98 -1.31
C LEU D 101 2.08 28.57 -1.37
N LEU D 102 2.70 28.22 -2.50
CA LEU D 102 3.32 26.90 -2.72
C LEU D 102 4.80 26.94 -2.34
N LYS D 103 5.48 28.02 -2.75
CA LYS D 103 6.89 28.27 -2.48
C LYS D 103 7.00 29.61 -1.75
N GLY D 104 7.87 29.70 -0.76
CA GLY D 104 8.10 30.99 -0.10
C GLY D 104 9.09 31.82 -0.90
N GLU D 105 9.35 33.07 -0.49
CA GLU D 105 10.37 33.82 -1.22
C GLU D 105 11.78 33.33 -0.79
N ILE D 106 12.75 33.47 -1.70
CA ILE D 106 14.12 33.06 -1.49
C ILE D 106 14.91 34.28 -1.03
N LEU D 107 15.59 34.15 0.11
CA LEU D 107 16.37 35.21 0.68
C LEU D 107 17.86 34.89 0.61
N LEU D 108 18.63 35.82 0.00
CA LEU D 108 20.07 35.70 -0.21
C LEU D 108 20.83 36.83 0.45
N LEU D 109 22.07 36.54 0.87
CA LEU D 109 22.93 37.52 1.49
C LEU D 109 23.84 38.18 0.47
N PRO D 110 23.86 39.53 0.39
CA PRO D 110 24.79 40.23 -0.51
C PRO D 110 26.26 39.78 -0.41
N GLU D 111 26.73 39.38 0.82
CA GLU D 111 28.08 38.92 1.15
C GLU D 111 28.41 37.60 0.43
N LEU D 112 27.39 36.75 0.15
CA LEU D 112 27.58 35.45 -0.51
C LEU D 112 27.16 35.45 -1.98
N SER D 113 26.66 36.61 -2.47
CA SER D 113 26.15 36.79 -3.84
C SER D 113 27.08 37.60 -4.72
N PHE D 114 27.17 37.18 -5.98
CA PHE D 114 28.03 37.77 -7.00
C PHE D 114 27.21 38.05 -8.23
N MET D 115 27.25 39.29 -8.72
CA MET D 115 26.51 39.71 -9.91
C MET D 115 27.09 39.09 -11.17
N THR D 116 26.21 38.59 -12.06
CA THR D 116 26.54 37.92 -13.31
C THR D 116 26.05 38.78 -14.50
N GLY D 117 25.23 39.78 -14.17
CA GLY D 117 24.59 40.70 -15.10
C GLY D 117 23.11 40.40 -15.26
N ILE D 118 22.49 41.00 -16.29
CA ILE D 118 21.08 40.80 -16.63
C ILE D 118 20.97 39.75 -17.76
#